data_6N3D
#
_entry.id   6N3D
#
_cell.length_a   30.201
_cell.length_b   30.201
_cell.length_c   98.742
_cell.angle_alpha   90.000
_cell.angle_beta   90.000
_cell.angle_gamma   90.000
#
_symmetry.space_group_name_H-M   'P 43'
#
loop_
_entity.id
_entity.type
_entity.pdbx_description
1 polymer 'HIV Tat-specific factor 1'
2 non-polymer 'CHLORIDE ION'
3 non-polymer DI(HYDROXYETHYL)ETHER
4 non-polymer 'MAGNESIUM ION'
5 non-polymer GLYCEROL
6 water water
#
_entity_poly.entity_id   1
_entity_poly.type   'polypeptide(L)'
_entity_poly.pdbx_seq_one_letter_code
;GSMRHERVVIIKNMFHPMDFEDDPLVLNEIREDLRVECSKFGQIRKLLLFDRHPDGVASVSFRDPEEADYCIQTLDGRWF
GGRQITAQAWDGTTDY
;
_entity_poly.pdbx_strand_id   A
#
loop_
_chem_comp.id
_chem_comp.type
_chem_comp.name
_chem_comp.formula
CL non-polymer 'CHLORIDE ION' 'Cl -1'
GOL non-polymer GLYCEROL 'C3 H8 O3'
MG non-polymer 'MAGNESIUM ION' 'Mg 2'
PEG non-polymer DI(HYDROXYETHYL)ETHER 'C4 H10 O3'
#
# COMPACT_ATOMS: atom_id res chain seq x y z
N GLY A 1 11.06 6.71 19.43
CA GLY A 1 11.19 6.40 17.98
C GLY A 1 11.15 4.91 17.71
N SER A 2 11.32 4.53 16.44
CA SER A 2 11.14 3.16 16.02
C SER A 2 12.05 2.86 14.82
N MET A 3 12.38 1.58 14.67
CA MET A 3 13.04 1.10 13.47
C MET A 3 12.14 1.36 12.25
N ARG A 4 12.76 1.42 11.07
CA ARG A 4 12.04 1.85 9.87
C ARG A 4 10.79 1.01 9.64
N HIS A 5 10.88 -0.30 9.86
CA HIS A 5 9.77 -1.17 9.46
C HIS A 5 8.50 -0.89 10.23
N GLU A 6 8.61 -0.32 11.44
CA GLU A 6 7.43 0.07 12.20
C GLU A 6 6.64 1.17 11.52
N ARG A 7 7.22 1.84 10.52
CA ARG A 7 6.53 2.85 9.76
C ARG A 7 5.95 2.32 8.43
N VAL A 8 6.09 1.03 8.14
CA VAL A 8 5.82 0.49 6.80
C VAL A 8 4.63 -0.46 6.87
N VAL A 9 3.69 -0.25 5.94
CA VAL A 9 2.50 -1.07 5.77
C VAL A 9 2.62 -1.83 4.46
N ILE A 10 2.36 -3.13 4.51
CA ILE A 10 2.26 -3.96 3.31
C ILE A 10 0.78 -4.14 3.02
N ILE A 11 0.36 -3.67 1.85
N ILE A 11 0.33 -3.59 1.92
CA ILE A 11 -1.01 -3.75 1.37
CA ILE A 11 -1.02 -3.80 1.44
C ILE A 11 -1.05 -4.82 0.29
C ILE A 11 -0.96 -4.93 0.42
N LYS A 12 -1.99 -5.76 0.41
CA LYS A 12 -2.08 -6.83 -0.57
C LYS A 12 -3.45 -6.84 -1.23
N ASN A 13 -3.47 -7.43 -2.41
CA ASN A 13 -4.64 -7.56 -3.26
C ASN A 13 -5.16 -6.23 -3.76
N MET A 14 -4.25 -5.28 -4.02
N MET A 14 -4.25 -5.27 -4.00
CA MET A 14 -4.64 -4.02 -4.60
CA MET A 14 -4.64 -4.01 -4.63
C MET A 14 -4.81 -4.10 -6.12
C MET A 14 -4.94 -4.18 -6.10
N PHE A 15 -4.40 -5.22 -6.72
CA PHE A 15 -4.47 -5.42 -8.16
C PHE A 15 -4.09 -6.87 -8.40
N HIS A 16 -4.19 -7.28 -9.66
CA HIS A 16 -3.46 -8.42 -10.19
C HIS A 16 -2.70 -7.90 -11.40
N PRO A 17 -1.50 -8.41 -11.68
CA PRO A 17 -0.73 -7.93 -12.84
C PRO A 17 -1.49 -7.92 -14.15
N MET A 18 -2.47 -8.81 -14.34
CA MET A 18 -3.24 -8.81 -15.58
C MET A 18 -3.86 -7.44 -15.83
N ASP A 19 -4.13 -6.70 -14.77
CA ASP A 19 -4.79 -5.40 -14.88
C ASP A 19 -4.00 -4.41 -15.73
N PHE A 20 -2.71 -4.60 -15.88
CA PHE A 20 -1.89 -3.64 -16.60
C PHE A 20 -1.56 -4.12 -18.00
N GLU A 21 -2.05 -5.30 -18.38
N GLU A 21 -2.04 -5.31 -18.38
CA GLU A 21 -1.71 -5.89 -19.68
CA GLU A 21 -1.71 -5.89 -19.68
C GLU A 21 -2.14 -4.99 -20.82
C GLU A 21 -2.13 -4.98 -20.82
N ASP A 22 -3.41 -4.60 -20.85
CA ASP A 22 -3.96 -3.90 -21.99
C ASP A 22 -3.69 -2.40 -21.95
N ASP A 23 -3.45 -1.84 -20.77
CA ASP A 23 -3.33 -0.40 -20.61
C ASP A 23 -2.38 -0.12 -19.44
N PRO A 24 -1.13 0.21 -19.71
CA PRO A 24 -0.20 0.55 -18.62
C PRO A 24 -0.66 1.67 -17.72
N LEU A 25 -1.49 2.59 -18.23
CA LEU A 25 -1.94 3.69 -17.40
C LEU A 25 -2.71 3.24 -16.17
N VAL A 26 -3.31 2.03 -16.21
CA VAL A 26 -4.04 1.52 -15.06
C VAL A 26 -3.13 1.40 -13.84
N LEU A 27 -1.87 1.01 -14.05
CA LEU A 27 -0.95 0.91 -12.92
C LEU A 27 -0.82 2.25 -12.22
N ASN A 28 -0.66 3.32 -13.00
CA ASN A 28 -0.53 4.63 -12.38
C ASN A 28 -1.85 5.11 -11.77
N GLU A 29 -3.00 4.74 -12.35
CA GLU A 29 -4.28 5.03 -11.70
C GLU A 29 -4.34 4.43 -10.31
N ILE A 30 -3.98 3.15 -10.19
N ILE A 30 -3.92 3.17 -10.16
CA ILE A 30 -3.90 2.49 -8.89
CA ILE A 30 -3.96 2.54 -8.84
C ILE A 30 -2.97 3.26 -7.96
C ILE A 30 -2.94 3.18 -7.91
N ARG A 31 -1.77 3.55 -8.44
CA ARG A 31 -0.78 4.24 -7.62
C ARG A 31 -1.34 5.55 -7.09
N GLU A 32 -1.95 6.34 -7.98
N GLU A 32 -1.98 6.34 -7.96
CA GLU A 32 -2.48 7.64 -7.56
CA GLU A 32 -2.46 7.65 -7.55
C GLU A 32 -3.59 7.43 -6.54
C GLU A 32 -3.67 7.52 -6.62
N ASP A 33 -4.50 6.49 -6.81
CA ASP A 33 -5.60 6.26 -5.90
C ASP A 33 -5.10 5.84 -4.52
N LEU A 34 -4.05 5.03 -4.48
CA LEU A 34 -3.51 4.60 -3.20
C LEU A 34 -2.80 5.74 -2.49
N ARG A 35 -2.13 6.63 -3.24
CA ARG A 35 -1.58 7.83 -2.63
C ARG A 35 -2.69 8.65 -1.98
N VAL A 36 -3.78 8.89 -2.71
CA VAL A 36 -4.87 9.69 -2.17
C VAL A 36 -5.44 9.02 -0.91
N GLU A 37 -5.68 7.71 -0.97
N GLU A 37 -5.74 7.73 -1.00
CA GLU A 37 -6.32 7.05 0.16
CA GLU A 37 -6.30 7.02 0.14
C GLU A 37 -5.39 6.98 1.37
C GLU A 37 -5.37 7.08 1.34
N CYS A 38 -4.10 6.68 1.15
CA CYS A 38 -3.19 6.56 2.28
C CYS A 38 -2.86 7.90 2.91
N SER A 39 -3.03 9.01 2.16
N SER A 39 -3.01 9.02 2.19
CA SER A 39 -2.83 10.34 2.73
CA SER A 39 -2.76 10.31 2.81
C SER A 39 -3.80 10.62 3.87
C SER A 39 -3.83 10.66 3.84
N LYS A 40 -4.89 9.87 3.95
CA LYS A 40 -5.85 10.03 5.04
C LYS A 40 -5.25 9.64 6.38
N PHE A 41 -4.26 8.75 6.39
CA PHE A 41 -3.80 8.15 7.63
C PHE A 41 -2.57 8.81 8.20
N GLY A 42 -1.86 9.60 7.39
CA GLY A 42 -0.61 10.17 7.83
C GLY A 42 0.13 10.72 6.63
N GLN A 43 1.28 11.30 6.93
N GLN A 43 1.30 11.26 6.91
CA GLN A 43 2.19 11.78 5.91
CA GLN A 43 2.16 11.82 5.86
C GLN A 43 2.90 10.58 5.27
C GLN A 43 2.98 10.69 5.23
N ILE A 44 2.69 10.39 3.98
CA ILE A 44 3.37 9.33 3.26
C ILE A 44 4.82 9.74 3.01
N ARG A 45 5.75 8.85 3.35
CA ARG A 45 7.14 8.98 2.92
C ARG A 45 7.41 8.27 1.60
N LYS A 46 6.98 7.02 1.45
CA LYS A 46 7.24 6.28 0.23
C LYS A 46 6.04 5.40 -0.08
N LEU A 47 5.74 5.25 -1.37
CA LEU A 47 4.70 4.34 -1.80
C LEU A 47 5.21 3.62 -3.04
N LEU A 48 5.16 2.30 -3.01
CA LEU A 48 5.62 1.47 -4.11
C LEU A 48 4.57 0.41 -4.41
N LEU A 49 4.33 0.20 -5.70
N LEU A 49 4.37 0.14 -5.71
CA LEU A 49 3.57 -0.94 -6.17
CA LEU A 49 3.53 -0.96 -6.16
C LEU A 49 4.54 -1.97 -6.74
C LEU A 49 4.40 -1.99 -6.84
N PHE A 50 4.32 -3.24 -6.38
CA PHE A 50 5.09 -4.34 -6.95
C PHE A 50 4.26 -4.91 -8.08
N ASP A 51 4.36 -4.25 -9.24
CA ASP A 51 3.37 -4.41 -10.29
C ASP A 51 3.39 -5.77 -10.97
N ARG A 52 4.42 -6.58 -10.79
CA ARG A 52 4.41 -7.94 -11.31
C ARG A 52 3.97 -8.97 -10.29
N HIS A 53 3.72 -8.56 -9.06
CA HIS A 53 3.49 -9.53 -8.00
C HIS A 53 2.06 -10.07 -8.07
N PRO A 54 1.88 -11.40 -8.15
CA PRO A 54 0.52 -11.97 -8.25
C PRO A 54 -0.39 -11.58 -7.12
N ASP A 55 0.14 -11.28 -5.93
CA ASP A 55 -0.67 -10.96 -4.78
C ASP A 55 -1.05 -9.50 -4.70
N GLY A 56 -0.65 -8.69 -5.68
CA GLY A 56 -1.12 -7.31 -5.71
C GLY A 56 -0.55 -6.46 -4.59
N VAL A 57 0.75 -6.57 -4.37
CA VAL A 57 1.41 -6.00 -3.20
C VAL A 57 1.81 -4.55 -3.46
N ALA A 58 1.60 -3.72 -2.43
CA ALA A 58 2.11 -2.38 -2.36
C ALA A 58 2.71 -2.17 -0.97
N SER A 59 3.73 -1.33 -0.91
N SER A 59 3.68 -1.29 -0.87
CA SER A 59 4.34 -0.93 0.34
CA SER A 59 4.21 -0.88 0.42
C SER A 59 4.09 0.56 0.53
C SER A 59 4.09 0.64 0.54
N VAL A 60 3.66 0.94 1.72
N VAL A 60 3.69 1.10 1.72
CA VAL A 60 3.47 2.34 2.06
CA VAL A 60 3.56 2.52 2.00
C VAL A 60 4.25 2.62 3.33
C VAL A 60 4.19 2.79 3.35
N SER A 61 5.14 3.61 3.30
N SER A 61 5.26 3.59 3.36
CA SER A 61 5.91 4.05 4.45
CA SER A 61 5.95 3.97 4.59
C SER A 61 5.36 5.39 4.91
C SER A 61 5.55 5.39 4.97
N PHE A 62 5.18 5.57 6.22
CA PHE A 62 4.69 6.82 6.78
C PHE A 62 5.79 7.52 7.57
N ARG A 63 5.52 8.77 7.92
N ARG A 63 5.56 8.79 7.91
CA ARG A 63 6.46 9.56 8.73
CA ARG A 63 6.52 9.50 8.74
C ARG A 63 6.58 9.00 10.14
C ARG A 63 6.62 8.88 10.12
N ASP A 64 5.49 8.48 10.70
CA ASP A 64 5.44 8.05 12.10
C ASP A 64 4.82 6.66 12.22
N PRO A 65 5.26 5.87 13.20
CA PRO A 65 4.67 4.53 13.40
C PRO A 65 3.18 4.56 13.70
N GLU A 66 2.70 5.62 14.36
CA GLU A 66 1.28 5.71 14.70
C GLU A 66 0.44 5.87 13.45
N GLU A 67 0.99 6.51 12.42
CA GLU A 67 0.28 6.63 11.14
C GLU A 67 0.13 5.27 10.48
N ALA A 68 1.21 4.48 10.48
CA ALA A 68 1.13 3.12 9.94
C ALA A 68 0.08 2.31 10.69
N ASP A 69 0.03 2.44 12.02
CA ASP A 69 -0.96 1.68 12.79
C ASP A 69 -2.37 2.04 12.37
N TYR A 70 -2.63 3.34 12.19
CA TYR A 70 -3.97 3.82 11.82
C TYR A 70 -4.34 3.35 10.42
N CYS A 71 -3.39 3.36 9.49
CA CYS A 71 -3.61 2.80 8.16
C CYS A 71 -3.98 1.32 8.23
N ILE A 72 -3.20 0.52 8.96
N ILE A 72 -3.22 0.54 9.00
CA ILE A 72 -3.46 -0.91 9.03
CA ILE A 72 -3.57 -0.86 9.21
C ILE A 72 -4.86 -1.17 9.55
C ILE A 72 -5.00 -0.97 9.70
N GLN A 73 -5.25 -0.46 10.61
N GLN A 73 -5.30 -0.30 10.81
CA GLN A 73 -6.54 -0.72 11.24
CA GLN A 73 -6.59 -0.47 11.47
C GLN A 73 -7.69 -0.32 10.33
C GLN A 73 -7.77 -0.03 10.60
N THR A 74 -7.52 0.75 9.55
CA THR A 74 -8.59 1.28 8.73
C THR A 74 -8.70 0.63 7.36
N LEU A 75 -7.58 0.31 6.73
CA LEU A 75 -7.64 -0.20 5.37
C LEU A 75 -7.89 -1.69 5.30
N ASP A 76 -7.48 -2.45 6.31
CA ASP A 76 -7.58 -3.90 6.20
C ASP A 76 -9.04 -4.28 6.04
N GLY A 77 -9.33 -5.06 5.00
CA GLY A 77 -10.68 -5.49 4.72
C GLY A 77 -11.53 -4.54 3.90
N ARG A 78 -11.01 -3.37 3.52
CA ARG A 78 -11.76 -2.46 2.65
C ARG A 78 -11.78 -2.98 1.22
N TRP A 79 -12.73 -2.48 0.45
CA TRP A 79 -12.84 -2.81 -0.96
C TRP A 79 -12.39 -1.62 -1.81
N PHE A 80 -11.49 -1.88 -2.76
CA PHE A 80 -11.00 -0.89 -3.71
C PHE A 80 -10.99 -1.49 -5.10
N GLY A 81 -11.64 -0.82 -6.05
CA GLY A 81 -11.65 -1.33 -7.42
C GLY A 81 -12.17 -2.74 -7.53
N GLY A 82 -13.11 -3.13 -6.68
CA GLY A 82 -13.68 -4.45 -6.68
C GLY A 82 -12.91 -5.47 -5.86
N ARG A 83 -11.76 -5.09 -5.32
CA ARG A 83 -10.87 -6.00 -4.61
C ARG A 83 -10.91 -5.76 -3.12
N GLN A 84 -10.93 -6.85 -2.35
CA GLN A 84 -10.91 -6.76 -0.89
C GLN A 84 -9.46 -6.82 -0.46
N ILE A 85 -8.95 -5.73 0.07
CA ILE A 85 -7.53 -5.62 0.35
C ILE A 85 -7.23 -6.01 1.79
N THR A 86 -5.96 -6.33 2.04
CA THR A 86 -5.44 -6.50 3.38
C THR A 86 -4.33 -5.47 3.63
N ALA A 87 -4.11 -5.16 4.90
CA ALA A 87 -3.04 -4.28 5.31
C ALA A 87 -2.40 -4.88 6.55
N GLN A 88 -1.07 -5.00 6.52
CA GLN A 88 -0.29 -5.63 7.58
C GLN A 88 0.97 -4.81 7.83
N ALA A 89 1.47 -4.90 9.06
CA ALA A 89 2.78 -4.32 9.36
C ALA A 89 3.87 -5.07 8.60
N TRP A 90 4.83 -4.35 8.04
CA TRP A 90 6.03 -4.99 7.50
C TRP A 90 6.89 -5.54 8.63
N ASP A 91 7.68 -6.57 8.32
CA ASP A 91 8.58 -7.21 9.27
C ASP A 91 10.03 -6.74 9.14
N GLY A 92 10.33 -5.85 8.20
CA GLY A 92 11.69 -5.39 7.99
C GLY A 92 12.57 -6.32 7.20
N THR A 93 12.07 -7.48 6.80
N THR A 93 12.06 -7.48 6.78
CA THR A 93 12.88 -8.47 6.11
CA THR A 93 12.90 -8.48 6.12
C THR A 93 12.26 -8.92 4.80
C THR A 93 12.27 -9.15 4.91
N THR A 94 10.96 -9.19 4.78
CA THR A 94 10.34 -9.81 3.62
C THR A 94 10.34 -8.84 2.45
N ASP A 95 10.88 -9.29 1.33
CA ASP A 95 10.93 -8.50 0.12
C ASP A 95 9.86 -8.97 -0.85
N TYR A 96 9.37 -8.06 -1.68
CA TYR A 96 8.35 -8.36 -2.66
C TYR A 96 8.76 -8.05 -4.08
CL CL B . -7.34 -11.97 -8.94
CL CL C . 5.54 2.11 -7.88
CL CL D . -12.44 7.28 4.81
C1 PEG E . 8.96 -2.99 0.83
O1 PEG E . 9.07 -2.28 2.03
C2 PEG E . 9.67 -4.33 0.97
O2 PEG E . 9.82 -4.93 -0.29
C3 PEG E . 11.07 -4.68 -0.88
C4 PEG E . 11.18 -5.43 -2.20
O4 PEG E . 12.03 -4.75 -3.08
H11 PEG E . 9.36 -2.49 0.12
H12 PEG E . 8.01 -3.14 0.63
HO1 PEG E . 8.46 -1.70 2.08
H21 PEG E . 9.15 -4.93 1.54
H22 PEG E . 10.55 -4.20 1.37
H31 PEG E . 11.77 -4.98 -0.28
H32 PEG E . 11.16 -3.73 -1.03
H41 PEG E . 10.30 -5.50 -2.60
H42 PEG E . 11.54 -6.32 -2.03
HO4 PEG E . 12.17 -5.23 -3.76
MG MG F . 2.70 -0.60 14.37
C1 GOL G . 9.40 -8.66 -9.43
O1 GOL G . 10.78 -8.68 -9.63
C2 GOL G . 9.11 -9.77 -8.38
O2 GOL G . 9.62 -9.46 -7.12
C3 GOL G . 7.59 -10.01 -8.37
O3 GOL G . 7.35 -10.75 -7.22
H11 GOL G . 8.90 -8.84 -10.24
H12 GOL G . 9.08 -7.81 -9.09
HO1 GOL G . 11.13 -8.25 -8.98
H2 GOL G . 9.57 -10.57 -8.66
HO2 GOL G . 9.07 -9.76 -6.54
H31 GOL G . 7.34 -10.47 -9.19
H32 GOL G . 7.13 -9.17 -8.40
HO3 GOL G . 6.63 -11.19 -7.34
CL CL H . 4.77 6.88 -4.62
#